data_6PMB
#
_entry.id   6PMB
#
_cell.length_a   52.109
_cell.length_b   52.109
_cell.length_c   226.747
_cell.angle_alpha   90.000
_cell.angle_beta   90.000
_cell.angle_gamma   120.000
#
_symmetry.space_group_name_H-M   'P 31 1 2'
#
loop_
_entity.id
_entity.type
_entity.pdbx_description
1 polymer 'High affinity nerve growth factor receptor'
2 non-polymer 2-[5,7-dimethyl-2-(pyridin-3-yl)[1,2,4]triazolo[1,5-a]pyrimidin-6-yl]-N-[3-(trifluoromethyl)phenyl]acetamide
3 water water
#
_entity_poly.entity_id   1
_entity_poly.type   'polypeptide(L)'
_entity_poly.pdbx_seq_one_letter_code
;GLQGHIIENPQYFSDACVHHIKRRDIVLKWELGEGAFGKVFLAECHNLLPEQDKMLVAVKALKEASESARQDFQREAELL
TMLQHQHIVRFFGVCTEGRPLLMVFEYMRHGDLNRFLRSHGPDAKLLAGGEDVAPGPLGLGQLLAVASQVAAGMVYLAGL
HFVHRDLATRNCLVGQGLVVKIGDFGMSRDIYSTDYYRVGGRTMLPIRWMPPESILYRKFTTESDVWSFGVVLWEIFTYG
KQPWYQLSNTEAIDCITQGRELERPRACPPEVYAIMRGCWQREPQQRHSIKDVHARLQALAQAPPVYLDVL
;
_entity_poly.pdbx_strand_id   A
#
# COMPACT_ATOMS: atom_id res chain seq x y z
N ALA A 16 0.50 25.87 -6.85
CA ALA A 16 1.52 24.75 -6.76
C ALA A 16 2.49 25.00 -5.58
N CYS A 17 2.10 24.59 -4.35
CA CYS A 17 2.84 24.87 -3.08
C CYS A 17 3.67 23.64 -2.69
N VAL A 18 4.60 23.33 -3.59
CA VAL A 18 5.40 22.09 -3.70
C VAL A 18 6.86 22.48 -3.51
N HIS A 19 7.56 21.88 -2.56
CA HIS A 19 9.03 22.05 -2.35
C HIS A 19 9.74 21.67 -3.66
N HIS A 20 10.55 22.57 -4.20
CA HIS A 20 11.39 22.33 -5.40
C HIS A 20 12.80 21.98 -4.96
N ILE A 21 13.46 21.14 -5.75
CA ILE A 21 14.82 20.60 -5.48
C ILE A 21 15.64 20.84 -6.75
N LYS A 22 16.85 21.36 -6.62
CA LYS A 22 17.75 21.62 -7.77
C LYS A 22 18.27 20.29 -8.37
N ARG A 23 18.34 20.16 -9.70
CA ARG A 23 18.79 18.91 -10.37
C ARG A 23 20.21 18.54 -9.90
N ARG A 24 21.08 19.50 -9.60
CA ARG A 24 22.51 19.25 -9.29
C ARG A 24 22.61 18.54 -7.94
N ASP A 25 21.70 18.87 -7.02
CA ASP A 25 21.52 18.20 -5.69
C ASP A 25 21.08 16.74 -5.85
N ILE A 26 20.70 16.28 -7.04
CA ILE A 26 20.24 14.87 -7.25
C ILE A 26 21.28 14.14 -8.11
N VAL A 27 21.77 13.02 -7.63
CA VAL A 27 22.75 12.17 -8.38
C VAL A 27 22.13 10.79 -8.51
N LEU A 28 21.72 10.35 -9.70
CA LEU A 28 21.09 9.02 -9.85
C LEU A 28 22.21 7.98 -9.73
N LYS A 29 21.94 6.91 -8.97
CA LYS A 29 22.84 5.76 -8.71
C LYS A 29 22.49 4.60 -9.65
N TRP A 30 21.21 4.26 -9.75
CA TRP A 30 20.77 3.13 -10.56
C TRP A 30 19.26 3.00 -10.42
N GLU A 31 18.64 2.27 -11.36
CA GLU A 31 17.19 1.99 -11.40
C GLU A 31 16.79 0.88 -10.41
N LEU A 32 15.57 1.04 -9.86
CA LEU A 32 14.85 0.14 -8.93
C LEU A 32 13.66 -0.50 -9.64
N GLY A 33 13.01 0.22 -10.55
CA GLY A 33 11.72 -0.17 -11.10
C GLY A 33 11.26 0.74 -12.21
N GLU A 34 10.37 0.21 -13.04
CA GLU A 34 9.78 0.86 -14.25
C GLU A 34 8.28 0.91 -14.01
N GLY A 35 7.59 1.84 -14.68
CA GLY A 35 6.13 2.00 -14.80
C GLY A 35 5.80 2.52 -16.19
N ALA A 36 4.53 2.70 -16.54
CA ALA A 36 4.08 3.22 -17.86
C ALA A 36 4.21 4.74 -17.89
N PHE A 37 4.19 5.38 -16.71
CA PHE A 37 4.24 6.86 -16.53
C PHE A 37 5.63 7.31 -16.06
N GLY A 38 6.53 6.39 -15.68
CA GLY A 38 7.92 6.72 -15.29
C GLY A 38 8.76 5.53 -14.82
N LYS A 39 10.08 5.75 -14.69
CA LYS A 39 11.11 4.84 -14.09
C LYS A 39 11.50 5.34 -12.70
N VAL A 40 11.82 4.45 -11.77
CA VAL A 40 12.28 4.83 -10.39
C VAL A 40 13.78 4.53 -10.23
N PHE A 41 14.53 5.50 -9.75
CA PHE A 41 15.98 5.38 -9.50
C PHE A 41 16.22 5.53 -8.01
N LEU A 42 17.23 4.87 -7.48
CA LEU A 42 17.90 5.32 -6.25
C LEU A 42 18.82 6.50 -6.63
N ALA A 43 18.85 7.53 -5.79
CA ALA A 43 19.69 8.71 -5.97
C ALA A 43 20.23 9.15 -4.61
N GLU A 44 21.41 9.77 -4.61
CA GLU A 44 21.91 10.61 -3.51
C GLU A 44 21.22 11.95 -3.70
N CYS A 45 20.68 12.56 -2.65
CA CYS A 45 20.17 13.96 -2.65
C CYS A 45 20.95 14.81 -1.64
N HIS A 46 21.37 16.02 -2.01
CA HIS A 46 22.25 16.90 -1.19
C HIS A 46 21.49 18.09 -0.60
N ASN A 47 21.80 18.44 0.65
CA ASN A 47 21.34 19.71 1.26
C ASN A 47 19.79 19.68 1.25
N LEU A 48 19.22 18.50 1.45
CA LEU A 48 17.75 18.28 1.49
C LEU A 48 17.31 18.31 2.94
N LEU A 49 17.96 17.50 3.80
CA LEU A 49 17.72 17.52 5.27
C LEU A 49 18.97 18.08 5.97
N PRO A 50 18.78 18.97 6.98
CA PRO A 50 19.90 19.72 7.55
C PRO A 50 20.78 18.80 8.40
N GLU A 51 20.17 17.81 9.08
CA GLU A 51 20.85 16.78 9.90
C GLU A 51 21.79 15.97 9.00
N GLN A 52 21.39 15.76 7.75
CA GLN A 52 22.04 14.87 6.75
C GLN A 52 22.37 15.69 5.47
N ASP A 53 23.58 16.26 5.41
CA ASP A 53 24.08 17.07 4.27
C ASP A 53 23.99 16.25 2.97
N LYS A 54 24.10 14.91 3.07
CA LYS A 54 23.83 13.92 1.99
C LYS A 54 22.77 12.93 2.54
N MET A 55 22.20 12.05 1.70
CA MET A 55 21.16 11.04 2.05
C MET A 55 20.52 10.41 0.79
N LEU A 56 20.03 9.18 0.88
CA LEU A 56 19.38 8.44 -0.23
C LEU A 56 17.89 8.73 -0.30
N VAL A 57 17.43 8.89 -1.54
CA VAL A 57 16.01 8.97 -1.96
C VAL A 57 15.77 8.06 -3.16
N ALA A 58 14.49 7.93 -3.52
CA ALA A 58 13.99 7.33 -4.75
C ALA A 58 13.42 8.45 -5.61
N VAL A 59 13.67 8.40 -6.91
CA VAL A 59 13.35 9.50 -7.86
C VAL A 59 12.57 8.86 -9.02
N LYS A 60 11.37 9.37 -9.28
CA LYS A 60 10.55 8.98 -10.45
C LYS A 60 10.74 10.03 -11.54
N ALA A 61 11.42 9.67 -12.63
CA ALA A 61 11.44 10.45 -13.87
C ALA A 61 10.08 10.27 -14.55
N LEU A 62 9.41 11.36 -14.94
CA LEU A 62 8.20 11.31 -15.80
C LEU A 62 8.63 10.82 -17.20
N LYS A 63 7.87 9.87 -17.78
CA LYS A 63 8.17 9.27 -19.09
C LYS A 63 7.65 10.19 -20.21
N GLU A 64 6.33 10.22 -20.45
CA GLU A 64 5.71 10.69 -21.73
C GLU A 64 6.48 11.90 -22.29
N SER A 68 -1.26 16.39 -20.57
CA SER A 68 -2.05 15.18 -20.18
C SER A 68 -1.26 14.36 -19.14
N ALA A 69 0.05 14.24 -19.33
CA ALA A 69 0.99 13.52 -18.43
C ALA A 69 1.61 14.50 -17.43
N ARG A 70 1.92 15.72 -17.88
CA ARG A 70 2.56 16.80 -17.07
C ARG A 70 1.49 17.36 -16.11
N GLN A 71 0.22 17.43 -16.55
CA GLN A 71 -0.93 17.83 -15.68
C GLN A 71 -0.97 16.83 -14.52
N ASP A 72 -0.90 15.53 -14.85
CA ASP A 72 -1.03 14.42 -13.88
C ASP A 72 0.03 14.55 -12.79
N PHE A 73 1.26 14.82 -13.23
CA PHE A 73 2.48 14.92 -12.39
C PHE A 73 2.32 16.10 -11.41
N GLN A 74 2.14 17.32 -11.94
CA GLN A 74 1.75 18.51 -11.15
C GLN A 74 0.68 18.07 -10.14
N ARG A 75 -0.33 17.27 -10.54
CA ARG A 75 -1.52 16.97 -9.70
C ARG A 75 -1.11 15.98 -8.58
N GLU A 76 -0.44 14.90 -8.97
CA GLU A 76 0.14 13.93 -8.01
C GLU A 76 1.01 14.67 -6.98
N ALA A 77 1.98 15.47 -7.43
CA ALA A 77 2.89 16.26 -6.55
C ALA A 77 2.13 17.05 -5.48
N GLU A 78 1.14 17.86 -5.89
CA GLU A 78 0.27 18.69 -4.99
C GLU A 78 -0.36 17.80 -3.92
N LEU A 79 -0.87 16.67 -4.32
CA LEU A 79 -1.53 15.72 -3.40
C LEU A 79 -0.47 15.16 -2.45
N LEU A 80 0.68 14.74 -2.98
CA LEU A 80 1.72 14.10 -2.15
C LEU A 80 2.25 15.09 -1.11
N THR A 81 2.35 16.36 -1.45
CA THR A 81 2.73 17.41 -0.48
C THR A 81 1.68 17.50 0.62
N MET A 82 0.40 17.54 0.26
CA MET A 82 -0.71 17.69 1.23
C MET A 82 -0.75 16.50 2.20
N LEU A 83 -0.79 15.27 1.70
CA LEU A 83 -0.70 14.07 2.56
C LEU A 83 0.59 14.20 3.39
N GLN A 84 0.47 14.10 4.70
CA GLN A 84 1.62 14.14 5.65
C GLN A 84 1.20 13.26 6.81
N HIS A 85 1.87 12.14 7.06
CA HIS A 85 1.45 11.17 8.11
C HIS A 85 2.54 10.12 8.31
N GLN A 86 2.69 9.57 9.50
CA GLN A 86 3.80 8.64 9.77
C GLN A 86 3.66 7.38 8.88
N HIS A 87 2.48 7.13 8.29
CA HIS A 87 2.13 5.85 7.63
C HIS A 87 1.53 6.05 6.25
N ILE A 88 1.85 7.18 5.64
CA ILE A 88 1.65 7.51 4.20
C ILE A 88 3.04 7.87 3.69
N VAL A 89 3.41 7.36 2.51
CA VAL A 89 4.72 7.60 1.85
C VAL A 89 5.08 9.09 1.93
N ARG A 90 6.38 9.39 1.92
CA ARG A 90 6.94 10.73 2.26
C ARG A 90 7.55 11.36 1.01
N PHE A 91 7.12 12.58 0.72
CA PHE A 91 7.35 13.26 -0.58
C PHE A 91 8.36 14.36 -0.34
N PHE A 92 9.47 14.39 -1.06
CA PHE A 92 10.51 15.40 -0.74
C PHE A 92 10.29 16.63 -1.61
N GLY A 93 9.80 16.45 -2.83
CA GLY A 93 9.51 17.57 -3.76
C GLY A 93 9.83 17.24 -5.19
N VAL A 94 9.99 18.25 -6.03
CA VAL A 94 10.11 18.00 -7.48
C VAL A 94 11.38 18.68 -7.98
N CYS A 95 11.89 18.20 -9.11
CA CYS A 95 12.85 18.89 -9.99
C CYS A 95 12.20 19.23 -11.33
N THR A 96 11.60 20.43 -11.44
CA THR A 96 11.00 20.97 -12.70
C THR A 96 12.10 21.54 -13.61
N GLU A 97 13.22 22.04 -13.07
CA GLU A 97 14.29 22.67 -13.90
C GLU A 97 14.92 21.64 -14.85
N GLY A 98 14.60 21.76 -16.15
CA GLY A 98 15.09 20.86 -17.20
C GLY A 98 14.45 19.49 -17.11
N ARG A 99 14.00 18.95 -18.26
CA ARG A 99 13.47 17.57 -18.39
C ARG A 99 14.61 16.58 -18.14
N PRO A 100 14.28 15.36 -17.66
CA PRO A 100 12.89 15.00 -17.34
C PRO A 100 12.49 15.58 -15.98
N LEU A 101 11.18 15.66 -15.74
CA LEU A 101 10.63 16.07 -14.42
C LEU A 101 10.86 14.91 -13.45
N LEU A 102 11.23 15.25 -12.23
CA LEU A 102 11.55 14.29 -11.16
C LEU A 102 10.67 14.63 -9.97
N MET A 103 10.01 13.59 -9.46
CA MET A 103 9.45 13.52 -8.09
C MET A 103 10.48 12.83 -7.22
N VAL A 104 10.74 13.35 -6.02
CA VAL A 104 11.70 12.73 -5.08
C VAL A 104 10.95 12.22 -3.87
N PHE A 105 11.22 11.00 -3.44
CA PHE A 105 10.51 10.38 -2.31
C PHE A 105 11.47 9.78 -1.30
N GLU A 106 10.97 9.43 -0.12
CA GLU A 106 11.74 8.66 0.87
C GLU A 106 11.99 7.26 0.26
N TYR A 107 13.25 6.80 0.38
CA TYR A 107 13.71 5.45 -0.03
C TYR A 107 13.35 4.48 1.08
N MET A 108 12.53 3.49 0.77
CA MET A 108 12.10 2.42 1.67
C MET A 108 12.87 1.16 1.33
N ARG A 109 13.91 0.87 2.13
CA ARG A 109 14.90 -0.24 2.01
C ARG A 109 14.25 -1.58 1.63
N HIS A 110 13.09 -1.98 2.15
CA HIS A 110 12.53 -3.35 2.04
C HIS A 110 11.50 -3.48 0.91
N GLY A 111 11.37 -2.44 0.10
CA GLY A 111 10.49 -2.44 -1.06
C GLY A 111 9.03 -2.59 -0.66
N ASP A 112 8.25 -3.25 -1.51
CA ASP A 112 6.79 -3.29 -1.31
C ASP A 112 6.48 -4.41 -0.30
N LEU A 113 5.49 -4.15 0.54
CA LEU A 113 5.00 -5.11 1.55
C LEU A 113 4.72 -6.48 0.92
N ASN A 114 4.23 -6.55 -0.33
CA ASN A 114 3.98 -7.89 -0.91
C ASN A 114 5.29 -8.68 -0.99
N ARG A 115 6.32 -8.13 -1.62
CA ARG A 115 7.65 -8.80 -1.81
C ARG A 115 8.20 -9.18 -0.44
N PHE A 116 7.98 -8.30 0.52
CA PHE A 116 8.50 -8.40 1.88
C PHE A 116 7.82 -9.55 2.60
N LEU A 117 6.51 -9.62 2.46
CA LEU A 117 5.61 -10.66 3.05
C LEU A 117 5.92 -12.00 2.44
N ARG A 118 6.08 -12.05 1.12
CA ARG A 118 6.43 -13.28 0.38
C ARG A 118 7.84 -13.72 0.80
N SER A 119 8.73 -12.78 1.09
CA SER A 119 10.13 -13.11 1.37
C SER A 119 10.31 -13.51 2.85
N HIS A 120 9.30 -13.30 3.70
CA HIS A 120 9.31 -13.72 5.14
C HIS A 120 7.98 -14.43 5.44
N GLY A 121 7.70 -15.44 4.61
CA GLY A 121 6.60 -16.37 4.85
C GLY A 121 7.12 -17.78 4.61
N PRO A 122 6.36 -18.83 5.03
CA PRO A 122 6.89 -20.19 5.08
C PRO A 122 7.39 -20.67 3.70
N ASP A 123 6.73 -20.23 2.59
CA ASP A 123 6.96 -20.71 1.21
C ASP A 123 8.44 -20.43 0.80
N ALA A 124 8.95 -19.19 0.87
CA ALA A 124 10.41 -18.87 0.81
C ALA A 124 11.18 -19.94 1.61
N GLY A 130 17.51 -10.75 8.76
CA GLY A 130 18.59 -9.74 8.94
C GLY A 130 18.30 -8.75 10.06
N GLU A 131 18.27 -7.46 9.74
CA GLU A 131 18.59 -6.32 10.64
C GLU A 131 17.34 -5.85 11.41
N ASP A 132 16.17 -5.83 10.75
CA ASP A 132 14.88 -5.35 11.32
C ASP A 132 13.92 -6.51 11.56
N VAL A 133 14.32 -7.73 11.23
CA VAL A 133 13.41 -8.91 11.20
C VAL A 133 14.18 -10.17 11.51
N ALA A 134 13.54 -11.08 12.25
CA ALA A 134 14.12 -12.38 12.62
C ALA A 134 14.01 -13.29 11.41
N PRO A 135 14.74 -14.43 11.43
CA PRO A 135 14.72 -15.37 10.32
C PRO A 135 13.35 -16.02 10.37
N GLY A 136 12.81 -16.37 9.22
CA GLY A 136 11.63 -17.26 9.12
C GLY A 136 10.31 -16.48 9.09
N PRO A 137 9.21 -17.24 9.18
CA PRO A 137 7.88 -16.69 9.23
C PRO A 137 7.83 -15.52 10.21
N LEU A 138 7.35 -14.37 9.77
CA LEU A 138 6.95 -13.28 10.69
C LEU A 138 6.04 -13.90 11.74
N GLY A 139 6.16 -13.49 12.99
CA GLY A 139 5.24 -13.92 14.05
C GLY A 139 4.07 -12.98 14.16
N LEU A 140 2.97 -13.49 14.73
CA LEU A 140 1.73 -12.72 15.03
C LEU A 140 2.05 -11.26 15.39
N GLY A 141 2.96 -11.05 16.33
CA GLY A 141 3.25 -9.70 16.85
C GLY A 141 3.65 -8.81 15.70
N GLN A 142 4.57 -9.27 14.86
CA GLN A 142 5.05 -8.48 13.69
C GLN A 142 3.88 -8.28 12.73
N LEU A 143 3.24 -9.38 12.34
CA LEU A 143 2.07 -9.33 11.43
C LEU A 143 1.08 -8.27 11.89
N LEU A 144 0.77 -8.21 13.17
CA LEU A 144 -0.22 -7.24 13.72
C LEU A 144 0.26 -5.80 13.64
N ALA A 145 1.54 -5.55 13.98
CA ALA A 145 2.22 -4.24 13.84
C ALA A 145 2.10 -3.73 12.39
N VAL A 146 2.35 -4.58 11.39
CA VAL A 146 2.11 -4.22 9.96
C VAL A 146 0.65 -3.80 9.73
N ALA A 147 -0.30 -4.75 9.89
CA ALA A 147 -1.73 -4.47 9.74
C ALA A 147 -2.05 -3.16 10.48
N SER A 148 -1.58 -3.03 11.72
CA SER A 148 -1.81 -1.82 12.56
C SER A 148 -1.36 -0.57 11.80
N GLN A 149 -0.16 -0.57 11.20
CA GLN A 149 0.40 0.63 10.53
C GLN A 149 -0.46 0.99 9.30
N VAL A 150 -0.77 0.01 8.45
CA VAL A 150 -1.65 0.20 7.24
C VAL A 150 -3.02 0.74 7.70
N ALA A 151 -3.55 0.27 8.84
CA ALA A 151 -4.85 0.77 9.37
C ALA A 151 -4.69 2.25 9.73
N ALA A 152 -3.57 2.62 10.32
CA ALA A 152 -3.35 3.99 10.84
C ALA A 152 -3.31 4.94 9.63
N GLY A 153 -2.68 4.51 8.54
CA GLY A 153 -2.62 5.29 7.29
C GLY A 153 -4.02 5.56 6.81
N MET A 154 -4.84 4.50 6.76
CA MET A 154 -6.21 4.52 6.19
C MET A 154 -7.14 5.37 7.05
N VAL A 155 -6.89 5.48 8.37
CA VAL A 155 -7.52 6.51 9.24
C VAL A 155 -7.19 7.89 8.64
N TYR A 156 -5.93 8.14 8.30
CA TYR A 156 -5.50 9.51 7.96
C TYR A 156 -6.23 9.92 6.69
N LEU A 157 -6.51 9.01 5.78
CA LEU A 157 -7.08 9.36 4.45
C LEU A 157 -8.60 9.50 4.51
N ALA A 158 -9.21 8.70 5.36
CA ALA A 158 -10.66 8.75 5.62
C ALA A 158 -10.95 10.08 6.36
N GLY A 159 -10.08 10.45 7.30
CA GLY A 159 -9.93 11.81 7.84
C GLY A 159 -10.07 12.86 6.75
N LEU A 160 -9.20 12.83 5.73
CA LEU A 160 -9.18 13.80 4.60
C LEU A 160 -10.24 13.45 3.55
N HIS A 161 -11.13 12.52 3.86
CA HIS A 161 -12.20 12.08 2.94
C HIS A 161 -11.60 11.65 1.60
N PHE A 162 -10.37 11.12 1.62
CA PHE A 162 -9.61 10.73 0.41
C PHE A 162 -9.87 9.26 0.12
N VAL A 163 -10.53 8.97 -1.00
CA VAL A 163 -10.79 7.57 -1.41
C VAL A 163 -9.60 7.06 -2.25
N HIS A 164 -8.90 6.04 -1.74
CA HIS A 164 -7.69 5.46 -2.35
C HIS A 164 -8.03 4.68 -3.62
N ARG A 165 -8.93 3.69 -3.58
CA ARG A 165 -9.38 2.89 -4.75
C ARG A 165 -8.40 1.79 -5.19
N ASP A 166 -7.13 1.76 -4.76
CA ASP A 166 -6.22 0.61 -5.07
C ASP A 166 -5.38 0.22 -3.85
N LEU A 167 -5.97 0.23 -2.67
CA LEU A 167 -5.27 -0.24 -1.44
C LEU A 167 -5.04 -1.75 -1.49
N ALA A 168 -3.78 -2.16 -1.40
CA ALA A 168 -3.26 -3.54 -1.52
C ALA A 168 -1.81 -3.48 -1.08
N THR A 169 -1.22 -4.57 -0.59
CA THR A 169 0.14 -4.62 -0.01
C THR A 169 1.17 -4.14 -1.04
N ARG A 170 0.95 -4.46 -2.31
CA ARG A 170 1.89 -4.03 -3.37
C ARG A 170 2.02 -2.51 -3.35
N ASN A 171 1.04 -1.81 -2.80
CA ASN A 171 0.95 -0.34 -2.83
C ASN A 171 1.39 0.25 -1.49
N CYS A 172 2.08 -0.56 -0.68
CA CYS A 172 2.68 -0.13 0.61
C CYS A 172 4.16 -0.46 0.56
N LEU A 173 5.00 0.39 1.13
CA LEU A 173 6.47 0.16 1.21
C LEU A 173 6.87 -0.13 2.63
N VAL A 174 7.94 -0.89 2.81
CA VAL A 174 8.53 -1.11 4.15
C VAL A 174 9.92 -0.50 4.21
N GLY A 175 10.14 0.28 5.24
CA GLY A 175 11.44 0.91 5.53
C GLY A 175 12.15 0.23 6.71
N GLN A 176 13.38 0.66 6.94
CA GLN A 176 14.20 0.36 8.11
C GLN A 176 13.33 0.54 9.36
N GLY A 177 13.33 -0.46 10.24
CA GLY A 177 12.53 -0.53 11.48
C GLY A 177 11.18 -1.20 11.26
N LEU A 178 10.91 -1.71 10.05
CA LEU A 178 9.57 -2.15 9.61
C LEU A 178 8.58 -1.00 9.71
N VAL A 179 8.99 0.20 9.32
CA VAL A 179 8.03 1.29 9.04
C VAL A 179 7.39 0.95 7.70
N VAL A 180 6.08 0.65 7.75
CA VAL A 180 5.16 0.44 6.59
C VAL A 180 4.44 1.77 6.27
N LYS A 181 4.46 2.17 4.99
CA LYS A 181 3.77 3.40 4.50
C LYS A 181 2.89 3.08 3.29
N ILE A 182 1.73 3.72 3.19
CA ILE A 182 0.82 3.55 2.02
C ILE A 182 1.20 4.56 0.93
N GLY A 183 1.36 4.06 -0.29
CA GLY A 183 1.39 4.90 -1.50
C GLY A 183 0.48 4.32 -2.55
N ASP A 184 0.70 4.71 -3.80
CA ASP A 184 -0.07 4.29 -4.99
C ASP A 184 0.90 4.27 -6.15
N PHE A 185 1.36 3.11 -6.59
CA PHE A 185 2.46 3.02 -7.58
C PHE A 185 1.88 2.63 -8.94
N GLY A 186 2.55 3.05 -10.00
CA GLY A 186 2.31 2.49 -11.35
C GLY A 186 3.20 1.27 -11.59
N MET A 187 4.34 1.15 -10.89
CA MET A 187 5.19 -0.07 -10.96
C MET A 187 4.32 -1.27 -10.61
N SER A 188 3.35 -1.07 -9.71
CA SER A 188 2.23 -2.01 -9.33
C SER A 188 1.42 -2.52 -10.56
N ARG A 189 0.96 -1.66 -11.47
CA ARG A 189 0.16 -2.12 -12.64
C ARG A 189 1.05 -2.92 -13.62
N ASP A 190 2.36 -2.94 -13.41
CA ASP A 190 3.32 -3.55 -14.38
C ASP A 190 3.92 -4.82 -13.78
N ILE A 191 4.36 -4.78 -12.52
CA ILE A 191 5.00 -5.93 -11.79
C ILE A 191 3.90 -6.93 -11.38
N TYR A 192 2.69 -6.42 -11.12
CA TYR A 192 1.50 -7.18 -10.67
C TYR A 192 0.36 -7.08 -11.73
N SER A 193 0.66 -7.20 -13.03
CA SER A 193 -0.30 -7.24 -14.17
C SER A 193 -1.48 -8.17 -13.77
N THR A 194 -1.16 -9.17 -12.98
CA THR A 194 -2.05 -10.30 -12.66
C THR A 194 -3.04 -9.87 -11.57
N ASP A 195 -2.76 -8.77 -10.87
CA ASP A 195 -3.65 -8.23 -9.80
C ASP A 195 -4.72 -7.31 -10.39
N TYR A 196 -4.63 -7.04 -11.68
CA TYR A 196 -5.61 -6.20 -12.39
C TYR A 196 -6.37 -7.05 -13.40
N TYR A 197 -7.61 -6.63 -13.66
CA TYR A 197 -8.44 -7.02 -14.82
C TYR A 197 -8.46 -5.83 -15.77
N ARG A 198 -7.90 -5.99 -16.97
CA ARG A 198 -7.96 -5.01 -18.07
C ARG A 198 -9.34 -5.09 -18.70
N VAL A 199 -10.05 -3.96 -18.67
CA VAL A 199 -11.39 -3.75 -19.27
C VAL A 199 -11.24 -2.71 -20.37
N GLY A 200 -11.95 -2.89 -21.50
CA GLY A 200 -11.78 -2.06 -22.71
C GLY A 200 -10.32 -1.66 -22.94
N GLY A 201 -10.11 -0.46 -23.48
CA GLY A 201 -8.81 0.00 -24.01
C GLY A 201 -7.68 -0.10 -23.00
N ARG A 202 -7.75 0.73 -21.96
CA ARG A 202 -6.57 1.07 -21.10
C ARG A 202 -6.87 0.98 -19.60
N THR A 203 -8.03 0.48 -19.17
CA THR A 203 -8.47 0.54 -17.74
C THR A 203 -8.16 -0.79 -17.04
N MET A 204 -7.71 -0.70 -15.80
CA MET A 204 -7.21 -1.85 -15.00
C MET A 204 -7.92 -1.81 -13.64
N LEU A 205 -8.56 -2.90 -13.26
CA LEU A 205 -9.36 -2.94 -12.02
C LEU A 205 -8.77 -3.99 -11.09
N PRO A 206 -8.42 -3.57 -9.84
CA PRO A 206 -7.89 -4.48 -8.84
C PRO A 206 -9.05 -5.25 -8.21
N ILE A 207 -9.72 -6.09 -9.02
CA ILE A 207 -11.09 -6.61 -8.77
C ILE A 207 -11.03 -7.54 -7.56
N ARG A 208 -9.91 -8.19 -7.34
CA ARG A 208 -9.73 -9.16 -6.24
C ARG A 208 -9.79 -8.38 -4.93
N TRP A 209 -9.53 -7.07 -4.93
CA TRP A 209 -9.47 -6.24 -3.70
C TRP A 209 -10.73 -5.42 -3.51
N MET A 210 -11.70 -5.46 -4.43
CA MET A 210 -12.88 -4.54 -4.50
C MET A 210 -14.13 -5.14 -3.88
N PRO A 211 -15.04 -4.34 -3.27
CA PRO A 211 -16.32 -4.84 -2.82
C PRO A 211 -17.31 -5.00 -3.97
N PRO A 212 -18.44 -5.72 -3.73
CA PRO A 212 -19.45 -5.98 -4.75
C PRO A 212 -20.00 -4.65 -5.24
N GLU A 213 -20.14 -3.65 -4.38
CA GLU A 213 -20.71 -2.35 -4.82
C GLU A 213 -19.73 -1.67 -5.78
N SER A 214 -18.43 -1.79 -5.56
CA SER A 214 -17.40 -1.24 -6.48
C SER A 214 -17.54 -1.93 -7.84
N ILE A 215 -17.80 -3.24 -7.85
CA ILE A 215 -17.74 -4.06 -9.09
C ILE A 215 -19.04 -3.89 -9.85
N LEU A 216 -20.20 -4.11 -9.19
CA LEU A 216 -21.54 -4.00 -9.78
C LEU A 216 -21.82 -2.54 -10.18
N TYR A 217 -21.92 -1.63 -9.22
CA TYR A 217 -22.39 -0.22 -9.39
C TYR A 217 -21.22 0.68 -9.82
N ARG A 218 -19.98 0.26 -9.57
CA ARG A 218 -18.75 1.04 -9.89
C ARG A 218 -18.69 2.25 -8.97
N LYS A 219 -19.01 2.05 -7.70
CA LYS A 219 -19.02 3.11 -6.67
C LYS A 219 -17.86 2.86 -5.72
N PHE A 220 -16.99 3.86 -5.57
CA PHE A 220 -15.83 3.86 -4.66
C PHE A 220 -15.98 4.97 -3.61
N THR A 221 -15.65 4.61 -2.37
CA THR A 221 -15.96 5.34 -1.12
C THR A 221 -14.96 4.90 -0.05
N THR A 222 -15.02 5.55 1.09
CA THR A 222 -14.30 5.09 2.29
C THR A 222 -14.67 3.64 2.56
N GLU A 223 -15.93 3.27 2.32
CA GLU A 223 -16.49 1.97 2.72
C GLU A 223 -15.92 0.90 1.80
N SER A 224 -15.72 1.21 0.52
CA SER A 224 -15.02 0.31 -0.43
C SER A 224 -13.53 0.25 -0.05
N ASP A 225 -12.97 1.31 0.55
CA ASP A 225 -11.56 1.32 1.02
C ASP A 225 -11.45 0.37 2.21
N VAL A 226 -12.38 0.36 3.17
CA VAL A 226 -12.23 -0.55 4.35
C VAL A 226 -12.47 -1.99 3.91
N TRP A 227 -13.27 -2.24 2.87
CA TRP A 227 -13.36 -3.59 2.27
C TRP A 227 -11.94 -3.99 1.87
N SER A 228 -11.30 -3.19 1.01
CA SER A 228 -9.90 -3.37 0.54
C SER A 228 -8.93 -3.55 1.72
N PHE A 229 -9.11 -2.81 2.81
CA PHE A 229 -8.28 -3.02 4.01
C PHE A 229 -8.39 -4.47 4.50
N GLY A 230 -9.59 -5.02 4.59
CA GLY A 230 -9.81 -6.40 5.05
C GLY A 230 -9.06 -7.39 4.16
N VAL A 231 -9.03 -7.11 2.87
CA VAL A 231 -8.32 -7.96 1.89
C VAL A 231 -6.82 -7.81 2.18
N VAL A 232 -6.37 -6.64 2.60
CA VAL A 232 -4.92 -6.40 2.87
C VAL A 232 -4.56 -7.20 4.10
N LEU A 233 -5.49 -7.22 5.06
CA LEU A 233 -5.40 -8.03 6.30
C LEU A 233 -5.19 -9.50 5.89
N TRP A 234 -5.95 -9.99 4.94
CA TRP A 234 -5.85 -11.38 4.44
C TRP A 234 -4.51 -11.62 3.74
N GLU A 235 -4.14 -10.80 2.77
CA GLU A 235 -2.72 -10.70 2.28
C GLU A 235 -1.69 -10.81 3.43
N ILE A 236 -1.85 -10.07 4.52
CA ILE A 236 -0.78 -9.94 5.57
C ILE A 236 -0.62 -11.29 6.27
N PHE A 237 -1.73 -11.95 6.59
CA PHE A 237 -1.73 -13.22 7.34
C PHE A 237 -1.60 -14.44 6.42
N THR A 238 -1.57 -14.24 5.10
CA THR A 238 -1.33 -15.33 4.12
C THR A 238 0.07 -15.17 3.55
N TYR A 239 0.87 -14.23 4.08
CA TYR A 239 2.26 -13.88 3.64
C TYR A 239 2.30 -13.62 2.12
N GLY A 240 1.35 -12.80 1.65
CA GLY A 240 1.26 -12.24 0.29
C GLY A 240 0.54 -13.12 -0.74
N LYS A 241 -0.18 -14.16 -0.36
CA LYS A 241 -0.93 -14.95 -1.38
C LYS A 241 -1.91 -13.96 -2.08
N GLN A 242 -2.24 -14.18 -3.35
CA GLN A 242 -3.22 -13.36 -4.09
C GLN A 242 -4.62 -13.78 -3.63
N PRO A 243 -5.55 -12.85 -3.34
CA PRO A 243 -6.91 -13.26 -3.01
C PRO A 243 -7.57 -14.01 -4.16
N TRP A 244 -8.11 -15.19 -3.90
CA TRP A 244 -8.80 -16.03 -4.90
C TRP A 244 -7.81 -16.54 -5.96
N TYR A 245 -6.55 -16.75 -5.59
CA TYR A 245 -5.50 -17.13 -6.57
C TYR A 245 -6.03 -18.31 -7.40
N GLN A 246 -6.81 -19.23 -6.77
CA GLN A 246 -7.42 -20.43 -7.42
C GLN A 246 -8.49 -20.07 -8.48
N LEU A 247 -8.84 -18.78 -8.61
CA LEU A 247 -9.85 -18.30 -9.60
C LEU A 247 -9.24 -17.49 -10.76
N SER A 248 -9.89 -17.58 -11.92
CA SER A 248 -9.76 -16.56 -12.98
C SER A 248 -10.39 -15.25 -12.51
N ASN A 249 -10.13 -14.17 -13.22
CA ASN A 249 -10.67 -12.82 -12.93
C ASN A 249 -12.22 -12.86 -12.95
N THR A 250 -12.82 -13.49 -13.98
CA THR A 250 -14.31 -13.69 -14.06
C THR A 250 -14.84 -14.65 -12.98
N GLU A 251 -14.13 -15.74 -12.67
CA GLU A 251 -14.51 -16.61 -11.54
C GLU A 251 -14.56 -15.76 -10.27
N ALA A 252 -13.62 -14.85 -10.03
CA ALA A 252 -13.55 -14.07 -8.78
C ALA A 252 -14.65 -13.02 -8.71
N ILE A 253 -14.97 -12.40 -9.85
CA ILE A 253 -16.06 -11.39 -9.94
C ILE A 253 -17.34 -12.14 -9.56
N ASP A 254 -17.58 -13.30 -10.14
CA ASP A 254 -18.76 -14.14 -9.80
C ASP A 254 -18.79 -14.32 -8.28
N CYS A 255 -17.68 -14.77 -7.75
CA CYS A 255 -17.48 -15.12 -6.34
C CYS A 255 -17.77 -13.95 -5.39
N ILE A 256 -17.33 -12.74 -5.74
CA ILE A 256 -17.39 -11.55 -4.85
C ILE A 256 -18.80 -10.93 -4.89
N THR A 257 -19.37 -10.79 -6.08
CA THR A 257 -20.78 -10.35 -6.26
C THR A 257 -21.72 -11.37 -5.60
N GLN A 258 -21.47 -12.68 -5.77
CA GLN A 258 -22.33 -13.77 -5.24
C GLN A 258 -22.19 -13.89 -3.71
N GLY A 259 -21.35 -13.07 -3.06
CA GLY A 259 -21.32 -12.89 -1.59
C GLY A 259 -20.30 -13.76 -0.87
N ARG A 260 -19.53 -14.56 -1.59
CA ARG A 260 -18.67 -15.63 -1.05
C ARG A 260 -17.37 -15.00 -0.49
N GLU A 261 -17.08 -15.15 0.80
CA GLU A 261 -15.94 -14.50 1.53
C GLU A 261 -14.68 -15.36 1.47
N LEU A 262 -13.48 -14.73 1.45
CA LEU A 262 -12.16 -15.42 1.58
C LEU A 262 -12.11 -16.15 2.91
N GLU A 263 -11.44 -17.31 2.92
CA GLU A 263 -11.22 -18.23 4.08
C GLU A 263 -10.32 -17.60 5.15
N ARG A 264 -10.52 -17.88 6.43
CA ARG A 264 -9.52 -17.55 7.48
C ARG A 264 -8.18 -18.20 7.12
N PRO A 265 -7.08 -17.42 6.94
CA PRO A 265 -5.77 -18.00 6.70
C PRO A 265 -5.27 -18.79 7.91
N ARG A 266 -4.45 -19.80 7.65
CA ARG A 266 -3.83 -20.65 8.69
C ARG A 266 -3.32 -19.77 9.85
N ALA A 267 -2.43 -18.79 9.60
CA ALA A 267 -1.68 -18.05 10.64
C ALA A 267 -2.59 -17.06 11.38
N CYS A 268 -3.87 -16.97 10.99
CA CYS A 268 -4.78 -15.88 11.41
C CYS A 268 -5.66 -16.33 12.57
N PRO A 269 -5.49 -15.79 13.80
CA PRO A 269 -6.37 -16.10 14.91
C PRO A 269 -7.82 -15.70 14.62
N PRO A 270 -8.84 -16.47 15.07
CA PRO A 270 -10.25 -16.09 14.89
C PRO A 270 -10.60 -14.64 15.25
N GLU A 271 -9.93 -14.08 16.27
CA GLU A 271 -10.17 -12.70 16.78
C GLU A 271 -9.85 -11.69 15.66
N VAL A 272 -8.85 -11.99 14.83
CA VAL A 272 -8.43 -11.13 13.69
C VAL A 272 -9.36 -11.33 12.48
N TYR A 273 -9.64 -12.59 12.13
CA TYR A 273 -10.64 -12.95 11.09
C TYR A 273 -11.93 -12.21 11.38
N ALA A 274 -12.28 -12.02 12.65
CA ALA A 274 -13.41 -11.14 13.08
C ALA A 274 -13.23 -9.70 12.51
N ILE A 275 -12.09 -9.01 12.73
CA ILE A 275 -11.84 -7.63 12.18
C ILE A 275 -11.99 -7.68 10.65
N MET A 276 -11.39 -8.67 9.98
CA MET A 276 -11.61 -8.89 8.50
C MET A 276 -13.11 -8.90 8.18
N ARG A 277 -13.87 -9.81 8.80
CA ARG A 277 -15.32 -10.01 8.52
C ARG A 277 -16.05 -8.66 8.60
N GLY A 278 -15.69 -7.80 9.54
CA GLY A 278 -16.34 -6.48 9.71
C GLY A 278 -16.08 -5.55 8.54
N CYS A 279 -15.02 -5.80 7.77
CA CYS A 279 -14.64 -5.04 6.56
C CYS A 279 -15.45 -5.54 5.36
N TRP A 280 -15.99 -6.76 5.45
CA TRP A 280 -16.60 -7.53 4.33
C TRP A 280 -18.12 -7.67 4.47
N GLN A 281 -18.74 -6.95 5.42
CA GLN A 281 -20.21 -6.80 5.44
C GLN A 281 -20.65 -6.44 4.03
N ARG A 282 -21.70 -7.10 3.55
CA ARG A 282 -22.26 -6.85 2.20
C ARG A 282 -22.59 -5.36 2.09
N GLU A 283 -23.33 -4.83 3.08
CA GLU A 283 -23.86 -3.44 3.10
C GLU A 283 -22.78 -2.48 3.56
N PRO A 284 -22.27 -1.61 2.66
CA PRO A 284 -21.19 -0.68 3.01
C PRO A 284 -21.33 -0.07 4.42
N GLN A 285 -22.50 0.53 4.69
CA GLN A 285 -22.90 1.15 5.97
C GLN A 285 -22.67 0.21 7.17
N GLN A 286 -22.94 -1.08 6.99
CA GLN A 286 -22.76 -2.13 8.03
C GLN A 286 -21.28 -2.46 8.29
N ARG A 287 -20.35 -1.96 7.48
CA ARG A 287 -18.91 -2.27 7.67
C ARG A 287 -18.40 -1.40 8.80
N HIS A 288 -17.47 -1.91 9.60
CA HIS A 288 -16.84 -1.18 10.73
C HIS A 288 -16.12 0.04 10.16
N SER A 289 -16.08 1.16 10.90
CA SER A 289 -15.25 2.35 10.58
C SER A 289 -13.78 1.90 10.56
N ILE A 290 -12.88 2.62 9.88
CA ILE A 290 -11.44 2.25 9.89
C ILE A 290 -10.82 2.61 11.25
N LYS A 291 -11.31 3.67 11.93
CA LYS A 291 -10.85 4.04 13.31
C LYS A 291 -11.10 2.81 14.21
N ASP A 292 -12.24 2.13 14.06
CA ASP A 292 -12.55 0.92 14.89
C ASP A 292 -11.51 -0.16 14.59
N VAL A 293 -11.35 -0.50 13.32
CA VAL A 293 -10.47 -1.61 12.87
C VAL A 293 -9.07 -1.32 13.42
N HIS A 294 -8.56 -0.13 13.15
CA HIS A 294 -7.27 0.34 13.68
C HIS A 294 -7.23 0.03 15.19
N ALA A 295 -8.19 0.57 15.94
CA ALA A 295 -8.26 0.41 17.42
C ALA A 295 -8.07 -1.06 17.78
N ARG A 296 -8.87 -1.94 17.18
CA ARG A 296 -8.84 -3.41 17.43
C ARG A 296 -7.40 -3.89 17.15
N LEU A 297 -6.76 -3.48 16.07
CA LEU A 297 -5.48 -4.11 15.65
C LEU A 297 -4.33 -3.57 16.50
N GLN A 298 -4.28 -2.25 16.74
CA GLN A 298 -3.24 -1.61 17.58
C GLN A 298 -3.30 -2.22 18.99
N ALA A 299 -4.52 -2.34 19.54
CA ALA A 299 -4.80 -3.05 20.81
C ALA A 299 -3.94 -4.32 20.87
N LEU A 300 -4.10 -5.16 19.84
CA LEU A 300 -3.51 -6.52 19.70
C LEU A 300 -2.00 -6.42 19.48
N ALA A 301 -1.58 -5.65 18.47
CA ALA A 301 -0.15 -5.40 18.18
C ALA A 301 0.60 -5.07 19.46
N GLN A 302 0.01 -4.30 20.38
CA GLN A 302 0.69 -3.85 21.63
C GLN A 302 0.23 -4.63 22.86
N ALA A 303 -0.52 -5.73 22.71
CA ALA A 303 -0.84 -6.64 23.83
C ALA A 303 0.39 -7.48 24.16
N PRO A 304 0.58 -7.91 25.42
CA PRO A 304 1.76 -8.65 25.83
C PRO A 304 1.76 -10.08 25.30
N PRO A 305 2.94 -10.66 25.01
CA PRO A 305 3.07 -12.05 24.54
C PRO A 305 2.17 -13.11 25.22
N VAL A 306 1.86 -12.90 26.50
CA VAL A 306 1.03 -13.80 27.35
C VAL A 306 -0.41 -13.76 26.89
N TYR A 307 -0.91 -12.58 26.51
CA TYR A 307 -2.27 -12.35 25.92
C TYR A 307 -2.36 -12.87 24.49
N LEU A 308 -1.31 -12.65 23.72
CA LEU A 308 -1.27 -13.02 22.29
C LEU A 308 -1.03 -14.51 22.16
N ASP A 309 -0.21 -15.04 23.07
CA ASP A 309 0.36 -16.42 23.01
C ASP A 309 -0.81 -17.38 23.18
N VAL A 310 -2.00 -16.87 23.51
CA VAL A 310 -3.21 -17.71 23.73
C VAL A 310 -4.37 -17.16 22.90
N LEU A 311 -4.05 -16.52 21.77
CA LEU A 311 -5.02 -16.05 20.75
C LEU A 311 -5.11 -17.03 19.59
#